data_7KYX
#
_entry.id   7KYX
#
_cell.length_a   50.548
_cell.length_b   80.764
_cell.length_c   96.379
_cell.angle_alpha   90.000
_cell.angle_beta   90.000
_cell.angle_gamma   90.000
#
_symmetry.space_group_name_H-M   'P 21 21 21'
#
loop_
_entity.id
_entity.type
_entity.pdbx_description
1 polymer Coronin-6
2 non-polymer 'UNKNOWN ATOM OR ION'
3 water water
#
_entity_poly.entity_id   1
_entity_poly.type   'polypeptide(L)'
_entity_poly.pdbx_seq_one_letter_code
;MSRRVVRQSKFRHVFGQAAKADQAYEDIRVSKVTWDSSFCAVNPKFLAIIVEAGGGGAFIVLPLAKTGRVDKNYPLVTGH
TAPVLDIDWCPHNDNVIASASDDTTIMVWQIPDYTPMRNITEPIITLEGHSKRVGILSWHPTARNVLLSAGGDNVIIIWN
VGTGEVLLSLDDMHPDVIHSVCWNSNGSLLATTCKDKTLRIIDPRKGQVVAEQARPHEGARPLRAVFTADGKLLSTGFSR
MSERQLALWDPNNFEEPVALQEMDTSNGVLLPFYDPDSSIVYLCGKGDSSIRYFEITDEPPFVHYLNTFSSKEPQRGMGF
MPKRGLDVSKCEIARFYKLHERKCEPIIMTVPRKSDLFQDDLYPDTPGPEPALEADEWLSGQDAEPVLISLRDGYVPPKH
RELRVTKRN
;
_entity_poly.pdbx_strand_id   A
#
loop_
_chem_comp.id
_chem_comp.type
_chem_comp.name
_chem_comp.formula
UNX non-polymer 'UNKNOWN ATOM OR ION' ?
#
# COMPACT_ATOMS: atom_id res chain seq x y z
N ARG A 7 -21.65 20.88 6.80
CA ARG A 7 -21.58 19.41 7.01
C ARG A 7 -20.76 19.13 8.27
N GLN A 8 -21.37 18.47 9.28
CA GLN A 8 -20.67 18.07 10.53
C GLN A 8 -19.78 16.87 10.22
N SER A 9 -18.47 17.00 10.42
CA SER A 9 -17.46 15.92 10.26
C SER A 9 -16.55 15.93 11.48
N LYS A 10 -16.25 14.76 12.05
CA LYS A 10 -15.27 14.73 13.14
C LYS A 10 -13.85 14.93 12.58
N PHE A 11 -13.70 14.96 11.25
CA PHE A 11 -12.37 15.11 10.59
C PHE A 11 -12.21 16.49 9.97
N ARG A 12 -13.08 17.44 10.32
CA ARG A 12 -13.09 18.80 9.78
C ARG A 12 -11.70 19.44 9.95
N HIS A 13 -11.03 19.17 11.07
CA HIS A 13 -9.81 19.92 11.48
C HIS A 13 -8.55 19.06 11.35
N VAL A 14 -8.62 17.94 10.61
CA VAL A 14 -7.44 17.07 10.38
C VAL A 14 -6.42 17.92 9.61
N PHE A 15 -5.18 17.94 10.08
CA PHE A 15 -4.09 18.75 9.48
C PHE A 15 -2.81 17.94 9.46
N GLY A 16 -2.00 18.23 8.44
CA GLY A 16 -0.66 17.66 8.28
C GLY A 16 0.40 18.59 8.82
N GLN A 17 1.50 18.01 9.28
CA GLN A 17 2.68 18.74 9.76
C GLN A 17 3.93 17.93 9.43
N ALA A 18 4.90 18.55 8.76
CA ALA A 18 6.20 17.92 8.49
C ALA A 18 6.90 17.63 9.82
N ALA A 19 7.60 16.51 9.95
CA ALA A 19 8.41 16.22 11.15
C ALA A 19 9.55 17.23 11.21
N LYS A 20 10.17 17.38 12.38
CA LYS A 20 11.39 18.18 12.61
C LYS A 20 12.50 17.68 11.68
N ALA A 21 13.39 18.56 11.23
CA ALA A 21 14.49 18.27 10.30
C ALA A 21 15.29 17.06 10.80
N ASP A 22 15.44 16.90 12.13
CA ASP A 22 16.28 15.82 12.71
C ASP A 22 15.49 14.51 12.84
N GLN A 23 14.24 14.47 12.38
CA GLN A 23 13.40 13.24 12.37
C GLN A 23 13.36 12.66 10.95
N ALA A 24 14.10 13.27 10.01
CA ALA A 24 14.18 12.86 8.60
C ALA A 24 15.30 11.82 8.45
N TYR A 25 15.27 11.10 7.32
CA TYR A 25 16.31 10.13 6.89
C TYR A 25 17.00 10.72 5.66
N GLU A 26 18.28 11.10 5.80
CA GLU A 26 19.01 11.95 4.82
C GLU A 26 20.05 11.13 4.07
N ASP A 27 20.37 11.55 2.84
CA ASP A 27 21.47 11.00 1.99
C ASP A 27 21.09 9.60 1.51
N ILE A 28 19.85 9.42 1.02
CA ILE A 28 19.31 8.16 0.44
C ILE A 28 18.97 8.42 -1.03
N ARG A 29 19.64 7.76 -1.97
CA ARG A 29 19.41 7.93 -3.43
C ARG A 29 18.14 7.13 -3.81
N VAL A 30 16.99 7.80 -3.75
N VAL A 30 16.96 7.76 -3.70
CA VAL A 30 15.67 7.22 -4.16
CA VAL A 30 15.67 7.13 -4.11
C VAL A 30 15.71 6.81 -5.64
C VAL A 30 15.76 6.78 -5.60
N SER A 31 15.23 5.61 -5.96
CA SER A 31 15.15 5.15 -7.37
C SER A 31 14.40 6.17 -8.22
N LYS A 32 14.92 6.47 -9.41
CA LYS A 32 14.25 7.35 -10.41
C LYS A 32 13.72 6.51 -11.59
N VAL A 33 13.70 5.20 -11.45
CA VAL A 33 13.09 4.29 -12.45
C VAL A 33 11.64 4.73 -12.68
N THR A 34 11.17 4.75 -13.93
N THR A 34 11.17 4.68 -13.92
CA THR A 34 9.76 5.14 -14.22
CA THR A 34 9.79 5.07 -14.31
C THR A 34 8.86 3.94 -13.95
C THR A 34 8.82 3.93 -13.98
N TRP A 35 8.21 3.96 -12.78
CA TRP A 35 7.21 2.97 -12.36
C TRP A 35 6.30 3.70 -11.39
N ASP A 36 5.01 3.37 -11.36
CA ASP A 36 3.98 4.16 -10.63
C ASP A 36 3.77 3.61 -9.21
N SER A 37 4.51 2.59 -8.76
CA SER A 37 4.40 2.13 -7.36
C SER A 37 5.03 3.20 -6.45
N SER A 38 4.73 3.12 -5.18
CA SER A 38 5.08 4.16 -4.17
C SER A 38 6.58 4.21 -3.89
N PHE A 39 7.31 3.10 -4.10
CA PHE A 39 8.77 2.95 -3.90
C PHE A 39 9.16 2.99 -2.41
N CYS A 40 8.16 2.86 -1.53
CA CYS A 40 8.41 2.99 -0.08
C CYS A 40 7.41 2.10 0.65
N ALA A 41 7.91 1.25 1.54
CA ALA A 41 7.09 0.34 2.37
C ALA A 41 7.51 0.55 3.82
N VAL A 42 6.59 0.94 4.69
N VAL A 42 6.54 0.83 4.67
CA VAL A 42 6.94 1.20 6.12
CA VAL A 42 6.75 1.22 6.08
C VAL A 42 6.04 0.34 7.02
C VAL A 42 6.01 0.22 6.98
N ASN A 43 6.61 -0.13 8.12
CA ASN A 43 5.88 -0.92 9.15
C ASN A 43 6.27 -0.34 10.51
N PRO A 44 5.72 -0.86 11.62
CA PRO A 44 6.04 -0.30 12.93
C PRO A 44 7.51 -0.35 13.36
N LYS A 45 8.35 -1.13 12.67
CA LYS A 45 9.80 -1.27 13.02
C LYS A 45 10.72 -0.62 12.00
N PHE A 46 10.33 -0.57 10.72
CA PHE A 46 11.28 -0.33 9.61
C PHE A 46 10.71 0.59 8.54
N LEU A 47 11.63 1.28 7.88
CA LEU A 47 11.37 2.09 6.65
C LEU A 47 12.14 1.42 5.51
N ALA A 48 11.45 0.99 4.46
CA ALA A 48 12.08 0.39 3.26
C ALA A 48 11.86 1.31 2.08
N ILE A 49 12.92 1.57 1.33
CA ILE A 49 12.90 2.51 0.17
C ILE A 49 13.62 1.85 -0.98
N ILE A 50 13.00 1.89 -2.16
CA ILE A 50 13.70 1.43 -3.40
C ILE A 50 14.71 2.51 -3.81
N VAL A 51 15.97 2.10 -4.01
CA VAL A 51 17.09 3.07 -4.22
C VAL A 51 17.71 2.90 -5.62
N GLU A 52 18.42 3.94 -6.05
CA GLU A 52 19.19 3.94 -7.31
C GLU A 52 20.26 2.86 -7.17
N ALA A 53 20.33 1.92 -8.13
CA ALA A 53 21.22 0.75 -8.12
C ALA A 53 22.24 0.88 -9.26
N GLY A 56 21.54 -3.14 -11.42
CA GLY A 56 20.77 -4.24 -10.81
C GLY A 56 19.49 -3.73 -10.20
N GLY A 57 19.15 -4.21 -9.00
CA GLY A 57 18.03 -3.70 -8.20
C GLY A 57 18.35 -3.75 -6.73
N ALA A 58 18.03 -2.69 -6.00
CA ALA A 58 18.37 -2.57 -4.56
C ALA A 58 17.27 -1.82 -3.84
N PHE A 59 17.09 -2.12 -2.58
CA PHE A 59 16.32 -1.25 -1.65
C PHE A 59 17.07 -1.19 -0.32
N ILE A 60 16.78 -0.15 0.45
CA ILE A 60 17.39 0.03 1.79
C ILE A 60 16.32 -0.27 2.83
N VAL A 61 16.72 -0.86 3.94
CA VAL A 61 15.82 -1.03 5.12
C VAL A 61 16.47 -0.36 6.31
N LEU A 62 15.78 0.63 6.88
CA LEU A 62 16.28 1.40 8.04
C LEU A 62 15.38 1.14 9.24
N PRO A 63 15.94 0.75 10.42
CA PRO A 63 15.18 0.80 11.66
C PRO A 63 14.63 2.22 11.80
N LEU A 64 13.37 2.38 12.22
CA LEU A 64 12.75 3.74 12.32
C LEU A 64 13.55 4.66 13.26
N ALA A 65 14.17 4.13 14.32
CA ALA A 65 14.95 4.97 15.26
C ALA A 65 16.21 5.57 14.62
N LYS A 66 16.67 5.07 13.45
CA LYS A 66 17.99 5.47 12.88
C LYS A 66 17.78 6.67 11.95
N THR A 67 17.35 7.78 12.51
CA THR A 67 17.12 9.06 11.82
C THR A 67 18.46 9.75 11.54
N GLY A 68 18.44 10.78 10.72
CA GLY A 68 19.63 11.56 10.32
C GLY A 68 20.32 10.99 9.10
N ARG A 69 21.60 11.33 8.92
CA ARG A 69 22.38 11.01 7.70
C ARG A 69 22.65 9.50 7.66
N VAL A 70 22.24 8.85 6.58
CA VAL A 70 22.58 7.43 6.31
C VAL A 70 24.02 7.40 5.80
N ASP A 71 24.86 6.60 6.45
CA ASP A 71 26.26 6.32 6.05
C ASP A 71 26.29 5.95 4.55
N LYS A 72 27.31 6.43 3.84
CA LYS A 72 27.56 6.09 2.41
C LYS A 72 27.67 4.57 2.25
N ASN A 73 28.23 3.87 3.25
CA ASN A 73 28.45 2.40 3.22
C ASN A 73 27.32 1.66 3.96
N TYR A 74 26.12 2.22 4.05
CA TYR A 74 25.01 1.52 4.76
C TYR A 74 24.59 0.32 3.91
N PRO A 75 24.44 -0.89 4.49
CA PRO A 75 24.13 -2.07 3.70
C PRO A 75 22.74 -1.99 3.03
N LEU A 76 22.66 -2.53 1.83
CA LEU A 76 21.41 -2.58 1.02
C LEU A 76 20.97 -4.03 0.86
N VAL A 77 19.71 -4.21 0.45
CA VAL A 77 19.19 -5.53 0.01
C VAL A 77 19.33 -5.59 -1.51
N THR A 78 20.18 -6.47 -2.04
CA THR A 78 20.70 -6.40 -3.43
C THR A 78 20.60 -7.74 -4.18
N GLY A 79 19.68 -8.62 -3.81
CA GLY A 79 19.57 -9.96 -4.43
C GLY A 79 19.12 -9.92 -5.88
N HIS A 80 18.33 -8.92 -6.28
CA HIS A 80 17.76 -8.83 -7.64
C HIS A 80 18.83 -8.40 -8.65
N THR A 81 18.63 -8.76 -9.91
CA THR A 81 19.59 -8.46 -11.01
C THR A 81 19.03 -7.38 -11.95
N ALA A 82 17.90 -6.77 -11.61
CA ALA A 82 17.28 -5.69 -12.39
C ALA A 82 16.42 -4.88 -11.43
N PRO A 83 15.98 -3.66 -11.80
CA PRO A 83 15.35 -2.78 -10.83
C PRO A 83 14.22 -3.42 -10.04
N VAL A 84 14.16 -3.04 -8.77
CA VAL A 84 13.05 -3.40 -7.86
C VAL A 84 11.89 -2.48 -8.18
N LEU A 85 10.69 -3.05 -8.32
CA LEU A 85 9.48 -2.33 -8.75
C LEU A 85 8.46 -2.23 -7.63
N ASP A 86 8.48 -3.14 -6.66
CA ASP A 86 7.49 -3.09 -5.56
C ASP A 86 8.07 -3.79 -4.35
N ILE A 87 7.67 -3.31 -3.18
CA ILE A 87 8.08 -3.89 -1.87
C ILE A 87 6.84 -3.87 -0.98
N ASP A 88 6.65 -4.89 -0.16
CA ASP A 88 5.48 -4.96 0.76
C ASP A 88 5.90 -5.76 2.00
N TRP A 89 5.67 -5.19 3.18
CA TRP A 89 5.89 -5.87 4.49
C TRP A 89 4.83 -6.95 4.73
N CYS A 90 5.26 -8.08 5.28
CA CYS A 90 4.36 -9.16 5.74
C CYS A 90 3.45 -8.63 6.86
N PRO A 91 2.11 -8.71 6.74
CA PRO A 91 1.23 -8.20 7.80
C PRO A 91 1.34 -8.96 9.12
N HIS A 92 1.87 -10.18 9.07
CA HIS A 92 1.93 -11.07 10.26
C HIS A 92 3.37 -11.29 10.71
N ASN A 93 4.32 -10.51 10.22
CA ASN A 93 5.74 -10.64 10.63
C ASN A 93 6.44 -9.33 10.29
N ASP A 94 6.75 -8.53 11.31
CA ASP A 94 7.32 -7.17 11.11
C ASP A 94 8.80 -7.25 10.70
N ASN A 95 9.41 -8.43 10.59
CA ASN A 95 10.80 -8.56 10.08
C ASN A 95 10.84 -9.26 8.71
N VAL A 96 9.70 -9.37 8.01
CA VAL A 96 9.67 -10.04 6.69
C VAL A 96 9.11 -9.06 5.65
N ILE A 97 9.88 -8.87 4.58
CA ILE A 97 9.49 -7.98 3.43
C ILE A 97 9.66 -8.79 2.14
N ALA A 98 8.75 -8.59 1.20
CA ALA A 98 8.84 -9.18 -0.15
C ALA A 98 9.17 -8.07 -1.13
N SER A 99 10.06 -8.37 -2.06
CA SER A 99 10.44 -7.47 -3.18
C SER A 99 10.10 -8.15 -4.52
N ALA A 100 9.68 -7.34 -5.49
CA ALA A 100 9.35 -7.78 -6.86
C ALA A 100 10.17 -6.97 -7.83
N SER A 101 10.67 -7.60 -8.88
CA SER A 101 11.72 -6.99 -9.73
C SER A 101 11.42 -7.16 -11.23
N ASP A 102 11.98 -6.24 -12.00
CA ASP A 102 12.07 -6.33 -13.48
C ASP A 102 12.77 -7.63 -13.89
N ASP A 103 13.50 -8.29 -12.97
CA ASP A 103 14.20 -9.57 -13.24
C ASP A 103 13.22 -10.75 -13.31
N THR A 104 11.92 -10.52 -13.10
CA THR A 104 10.79 -11.48 -13.20
C THR A 104 10.61 -12.29 -11.90
N THR A 105 11.43 -12.03 -10.87
CA THR A 105 11.39 -12.80 -9.60
C THR A 105 10.79 -11.97 -8.46
N ILE A 106 10.33 -12.69 -7.46
CA ILE A 106 9.92 -12.16 -6.13
C ILE A 106 10.88 -12.76 -5.12
N MET A 107 11.44 -11.94 -4.25
CA MET A 107 12.31 -12.45 -3.16
C MET A 107 11.70 -12.03 -1.82
N VAL A 108 11.72 -12.95 -0.87
CA VAL A 108 11.16 -12.72 0.48
C VAL A 108 12.33 -12.76 1.44
N TRP A 109 12.46 -11.72 2.24
CA TRP A 109 13.68 -11.40 3.03
C TRP A 109 13.39 -11.47 4.52
N GLN A 110 14.32 -12.05 5.30
CA GLN A 110 14.33 -11.96 6.77
C GLN A 110 15.20 -10.75 7.15
N ILE A 111 14.61 -9.71 7.70
CA ILE A 111 15.35 -8.46 8.06
C ILE A 111 15.85 -8.59 9.49
N PRO A 112 17.18 -8.44 9.72
CA PRO A 112 17.71 -8.44 11.09
C PRO A 112 17.37 -7.17 11.86
N ASP A 113 17.33 -7.24 13.20
CA ASP A 113 17.04 -6.05 14.03
C ASP A 113 18.29 -5.17 14.03
N TYR A 114 19.47 -5.81 13.89
CA TYR A 114 20.81 -5.16 13.81
C TYR A 114 21.20 -4.83 12.36
N THR A 115 22.32 -4.11 12.22
CA THR A 115 22.94 -3.74 10.92
C THR A 115 23.83 -4.89 10.47
N PRO A 116 23.58 -5.51 9.30
CA PRO A 116 24.48 -6.55 8.80
C PRO A 116 25.82 -5.94 8.35
N MET A 117 26.80 -6.80 8.09
CA MET A 117 28.20 -6.39 7.82
C MET A 117 28.36 -5.96 6.36
N ARG A 118 27.48 -6.45 5.48
CA ARG A 118 27.52 -6.20 4.02
C ARG A 118 26.08 -6.27 3.50
N ASN A 119 25.92 -5.99 2.21
CA ASN A 119 24.63 -6.10 1.50
C ASN A 119 24.00 -7.46 1.76
N ILE A 120 22.70 -7.47 1.99
CA ILE A 120 21.88 -8.72 2.10
C ILE A 120 21.61 -9.18 0.67
N THR A 121 22.09 -10.38 0.32
CA THR A 121 21.97 -10.95 -1.05
C THR A 121 21.15 -12.25 -1.05
N GLU A 122 21.02 -12.93 0.09
CA GLU A 122 20.36 -14.27 0.18
C GLU A 122 18.99 -14.13 0.84
N PRO A 123 17.87 -14.26 0.07
CA PRO A 123 16.55 -14.22 0.68
C PRO A 123 16.16 -15.54 1.34
N ILE A 124 15.05 -15.55 2.08
CA ILE A 124 14.45 -16.81 2.62
C ILE A 124 14.11 -17.70 1.43
N ILE A 125 13.49 -17.12 0.40
CA ILE A 125 12.99 -17.86 -0.77
C ILE A 125 12.92 -16.91 -1.96
N THR A 126 13.14 -17.44 -3.15
CA THR A 126 12.91 -16.77 -4.44
C THR A 126 11.74 -17.48 -5.11
N LEU A 127 10.73 -16.71 -5.53
CA LEU A 127 9.53 -17.21 -6.22
C LEU A 127 9.65 -16.88 -7.70
N GLU A 128 9.70 -17.91 -8.55
CA GLU A 128 9.93 -17.80 -10.01
C GLU A 128 8.71 -18.37 -10.73
N GLY A 129 7.72 -17.55 -11.04
CA GLY A 129 6.48 -17.99 -11.70
C GLY A 129 6.12 -17.12 -12.89
N HIS A 130 6.67 -15.92 -12.97
CA HIS A 130 6.31 -14.94 -14.02
C HIS A 130 7.36 -14.99 -15.13
N SER A 131 6.94 -14.76 -16.37
CA SER A 131 7.85 -14.73 -17.55
C SER A 131 8.30 -13.30 -17.85
N LYS A 132 7.69 -12.29 -17.19
CA LYS A 132 7.97 -10.87 -17.43
C LYS A 132 8.08 -10.16 -16.08
N ARG A 133 8.36 -8.86 -16.10
CA ARG A 133 8.59 -8.07 -14.87
C ARG A 133 7.46 -8.33 -13.87
N VAL A 134 7.80 -8.34 -12.58
CA VAL A 134 6.81 -8.36 -11.48
C VAL A 134 6.75 -6.95 -10.88
N GLY A 135 5.65 -6.22 -11.08
CA GLY A 135 5.56 -4.82 -10.62
C GLY A 135 4.53 -4.62 -9.54
N ILE A 136 3.83 -5.69 -9.16
CA ILE A 136 2.75 -5.62 -8.15
C ILE A 136 2.91 -6.78 -7.15
N LEU A 137 2.87 -6.44 -5.86
CA LEU A 137 2.84 -7.40 -4.73
C LEU A 137 1.75 -6.99 -3.76
N SER A 138 1.05 -7.94 -3.18
CA SER A 138 0.18 -7.66 -2.03
C SER A 138 0.04 -8.90 -1.15
N TRP A 139 0.55 -8.81 0.08
CA TRP A 139 0.31 -9.90 1.05
C TRP A 139 -1.18 -10.03 1.33
N HIS A 140 -1.61 -11.26 1.53
CA HIS A 140 -2.99 -11.56 1.96
C HIS A 140 -3.19 -11.02 3.37
N PRO A 141 -4.35 -10.40 3.63
CA PRO A 141 -4.58 -9.77 4.95
C PRO A 141 -4.81 -10.76 6.10
N THR A 142 -5.27 -11.98 5.84
CA THR A 142 -5.71 -12.89 6.95
C THR A 142 -5.02 -14.25 6.90
N ALA A 143 -4.58 -14.74 5.73
CA ALA A 143 -4.12 -16.13 5.54
C ALA A 143 -2.59 -16.18 5.63
N ARG A 144 -2.09 -16.96 6.60
CA ARG A 144 -0.65 -17.07 6.90
C ARG A 144 0.17 -17.36 5.63
N ASN A 145 1.18 -16.55 5.36
CA ASN A 145 2.20 -16.77 4.30
C ASN A 145 1.63 -16.67 2.89
N VAL A 146 0.41 -16.17 2.71
CA VAL A 146 -0.18 -16.05 1.36
C VAL A 146 0.20 -14.68 0.76
N LEU A 147 0.73 -14.68 -0.45
CA LEU A 147 1.30 -13.48 -1.13
C LEU A 147 0.84 -13.46 -2.58
N LEU A 148 0.26 -12.34 -3.00
CA LEU A 148 -0.15 -12.13 -4.39
C LEU A 148 0.95 -11.40 -5.15
N SER A 149 1.22 -11.82 -6.38
CA SER A 149 2.04 -11.07 -7.36
C SER A 149 1.26 -10.91 -8.67
N ALA A 150 1.52 -9.83 -9.38
CA ALA A 150 1.01 -9.70 -10.76
C ALA A 150 2.11 -9.13 -11.65
N GLY A 151 2.27 -9.72 -12.84
CA GLY A 151 3.41 -9.46 -13.72
C GLY A 151 3.01 -8.87 -15.05
N GLY A 152 4.01 -8.49 -15.85
CA GLY A 152 3.84 -7.99 -17.23
C GLY A 152 3.37 -9.07 -18.19
N ASP A 153 3.32 -10.32 -17.73
CA ASP A 153 2.70 -11.46 -18.43
C ASP A 153 1.17 -11.43 -18.23
N ASN A 154 0.64 -10.44 -17.54
CA ASN A 154 -0.80 -10.26 -17.23
C ASN A 154 -1.32 -11.48 -16.46
N VAL A 155 -0.44 -12.14 -15.70
CA VAL A 155 -0.81 -13.26 -14.81
C VAL A 155 -0.83 -12.73 -13.38
N ILE A 156 -1.83 -13.15 -12.61
CA ILE A 156 -1.85 -12.96 -11.13
C ILE A 156 -1.53 -14.31 -10.50
N ILE A 157 -0.52 -14.36 -9.65
CA ILE A 157 -0.15 -15.60 -8.93
C ILE A 157 -0.39 -15.39 -7.45
N ILE A 158 -1.00 -16.39 -6.79
CA ILE A 158 -1.16 -16.39 -5.32
C ILE A 158 -0.30 -17.53 -4.77
N TRP A 159 0.68 -17.15 -3.98
CA TRP A 159 1.80 -18.01 -3.49
C TRP A 159 1.57 -18.40 -2.04
N ASN A 160 2.09 -19.57 -1.64
CA ASN A 160 2.40 -19.90 -0.24
C ASN A 160 3.90 -19.69 -0.04
N VAL A 161 4.27 -18.61 0.66
N VAL A 161 4.31 -18.63 0.66
CA VAL A 161 5.69 -18.21 0.80
CA VAL A 161 5.76 -18.26 0.74
C VAL A 161 6.41 -19.33 1.56
C VAL A 161 6.47 -19.19 1.73
N GLY A 162 5.71 -19.97 2.51
CA GLY A 162 6.29 -20.97 3.43
C GLY A 162 6.78 -22.20 2.67
N THR A 163 6.08 -22.57 1.60
CA THR A 163 6.38 -23.80 0.82
C THR A 163 6.97 -23.45 -0.55
N GLY A 164 6.84 -22.20 -1.02
CA GLY A 164 7.17 -21.83 -2.41
C GLY A 164 6.12 -22.30 -3.43
N GLU A 165 5.00 -22.89 -2.99
CA GLU A 165 3.98 -23.46 -3.91
C GLU A 165 3.13 -22.33 -4.50
N VAL A 166 2.74 -22.49 -5.76
CA VAL A 166 1.65 -21.69 -6.39
C VAL A 166 0.33 -22.27 -5.88
N LEU A 167 -0.49 -21.46 -5.22
CA LEU A 167 -1.84 -21.90 -4.75
C LEU A 167 -2.86 -21.72 -5.87
N LEU A 168 -2.80 -20.57 -6.56
CA LEU A 168 -3.69 -20.22 -7.69
C LEU A 168 -2.88 -19.45 -8.72
N SER A 169 -3.15 -19.70 -9.99
CA SER A 169 -2.53 -18.97 -11.13
C SER A 169 -3.69 -18.44 -11.97
N LEU A 170 -3.89 -17.12 -12.04
CA LEU A 170 -4.96 -16.51 -12.86
C LEU A 170 -4.29 -15.90 -14.09
N ASP A 171 -4.06 -16.74 -15.11
CA ASP A 171 -3.47 -16.26 -16.40
C ASP A 171 -4.59 -15.78 -17.33
N ASP A 172 -4.33 -14.74 -18.12
CA ASP A 172 -5.20 -14.32 -19.25
C ASP A 172 -6.64 -14.03 -18.79
N MET A 173 -6.84 -13.60 -17.53
CA MET A 173 -8.17 -13.12 -17.07
C MET A 173 -8.31 -11.65 -17.46
N HIS A 174 -7.19 -10.99 -17.81
CA HIS A 174 -7.17 -9.59 -18.30
C HIS A 174 -6.68 -9.58 -19.75
N PRO A 175 -7.39 -8.89 -20.66
CA PRO A 175 -6.98 -8.83 -22.06
C PRO A 175 -5.78 -7.91 -22.33
N ASP A 176 -5.35 -7.14 -21.33
CA ASP A 176 -4.27 -6.14 -21.48
C ASP A 176 -3.62 -5.91 -20.11
N VAL A 177 -2.68 -4.97 -20.05
CA VAL A 177 -1.77 -4.75 -18.90
C VAL A 177 -2.64 -4.56 -17.65
N ILE A 178 -2.26 -5.24 -16.57
CA ILE A 178 -2.89 -5.05 -15.23
C ILE A 178 -2.13 -3.92 -14.54
N HIS A 179 -2.82 -2.82 -14.17
CA HIS A 179 -2.19 -1.64 -13.53
C HIS A 179 -2.13 -1.80 -12.02
N SER A 180 -3.10 -2.48 -11.41
CA SER A 180 -3.22 -2.56 -9.93
C SER A 180 -4.04 -3.80 -9.55
N VAL A 181 -3.72 -4.37 -8.41
CA VAL A 181 -4.48 -5.48 -7.78
C VAL A 181 -4.51 -5.23 -6.29
N CYS A 182 -5.71 -5.28 -5.70
N CYS A 182 -5.69 -5.27 -5.68
CA CYS A 182 -6.00 -5.02 -4.27
CA CYS A 182 -5.82 -5.12 -4.22
C CYS A 182 -6.83 -6.18 -3.72
C CYS A 182 -6.83 -6.13 -3.68
N TRP A 183 -6.51 -6.66 -2.51
CA TRP A 183 -7.40 -7.52 -1.72
C TRP A 183 -8.50 -6.67 -1.05
N ASN A 184 -9.70 -7.23 -0.86
CA ASN A 184 -10.67 -6.64 0.09
C ASN A 184 -10.26 -6.99 1.53
N SER A 185 -11.01 -6.53 2.52
CA SER A 185 -10.50 -6.53 3.93
C SER A 185 -10.30 -7.95 4.46
N ASN A 186 -11.08 -8.95 4.02
CA ASN A 186 -10.91 -10.33 4.49
C ASN A 186 -10.23 -11.21 3.44
N GLY A 187 -9.71 -10.62 2.36
CA GLY A 187 -8.96 -11.35 1.32
C GLY A 187 -9.80 -12.42 0.64
N SER A 188 -11.10 -12.18 0.46
CA SER A 188 -12.00 -13.05 -0.33
C SER A 188 -12.05 -12.64 -1.80
N LEU A 189 -11.80 -11.35 -2.11
CA LEU A 189 -11.90 -10.84 -3.49
C LEU A 189 -10.71 -9.95 -3.84
N LEU A 190 -10.50 -9.79 -5.16
CA LEU A 190 -9.52 -8.87 -5.76
C LEU A 190 -10.25 -7.80 -6.57
N ALA A 191 -9.71 -6.58 -6.53
CA ALA A 191 -10.10 -5.50 -7.47
C ALA A 191 -8.90 -5.22 -8.36
N THR A 192 -9.15 -5.12 -9.66
CA THR A 192 -8.07 -4.86 -10.63
C THR A 192 -8.46 -3.72 -11.57
N THR A 193 -7.43 -3.04 -12.05
CA THR A 193 -7.55 -2.06 -13.14
C THR A 193 -6.73 -2.59 -14.31
N CYS A 194 -7.18 -2.27 -15.51
CA CYS A 194 -6.61 -2.84 -16.76
C CYS A 194 -6.47 -1.72 -17.79
N LYS A 195 -5.48 -1.87 -18.66
CA LYS A 195 -5.21 -0.94 -19.80
C LYS A 195 -6.36 -0.97 -20.81
N ASP A 196 -7.28 -1.94 -20.72
CA ASP A 196 -8.55 -1.93 -21.50
C ASP A 196 -9.57 -0.95 -20.89
N LYS A 197 -9.17 -0.22 -19.83
CA LYS A 197 -9.90 0.93 -19.24
C LYS A 197 -11.09 0.47 -18.40
N THR A 198 -11.05 -0.73 -17.83
CA THR A 198 -12.19 -1.24 -17.03
C THR A 198 -11.69 -1.77 -15.67
N LEU A 199 -12.58 -1.62 -14.70
CA LEU A 199 -12.47 -2.21 -13.35
C LEU A 199 -13.06 -3.62 -13.35
N ARG A 200 -12.43 -4.50 -12.60
CA ARG A 200 -12.94 -5.87 -12.36
C ARG A 200 -12.89 -6.17 -10.88
N ILE A 201 -13.85 -6.95 -10.42
CA ILE A 201 -13.80 -7.63 -9.11
C ILE A 201 -13.73 -9.12 -9.42
N ILE A 202 -12.74 -9.78 -8.86
CA ILE A 202 -12.39 -11.19 -9.19
C ILE A 202 -12.49 -12.02 -7.90
N ASP A 203 -13.12 -13.18 -8.00
CA ASP A 203 -13.06 -14.20 -6.92
C ASP A 203 -11.94 -15.16 -7.33
N PRO A 204 -10.75 -15.06 -6.71
CA PRO A 204 -9.60 -15.82 -7.21
C PRO A 204 -9.77 -17.34 -7.01
N ARG A 205 -10.42 -17.75 -5.93
CA ARG A 205 -10.63 -19.20 -5.64
C ARG A 205 -11.68 -19.78 -6.59
N LYS A 206 -12.60 -18.98 -7.09
CA LYS A 206 -13.60 -19.41 -8.13
C LYS A 206 -12.99 -19.30 -9.54
N GLY A 207 -11.92 -18.51 -9.70
CA GLY A 207 -11.29 -18.19 -10.98
C GLY A 207 -12.28 -17.47 -11.90
N GLN A 208 -13.05 -16.54 -11.34
CA GLN A 208 -14.12 -15.86 -12.09
C GLN A 208 -14.12 -14.37 -11.79
N VAL A 209 -14.37 -13.57 -12.83
CA VAL A 209 -14.70 -12.14 -12.70
C VAL A 209 -16.15 -12.09 -12.22
N VAL A 210 -16.38 -11.53 -11.02
CA VAL A 210 -17.74 -11.53 -10.40
C VAL A 210 -18.46 -10.19 -10.65
N ALA A 211 -17.71 -9.12 -10.94
CA ALA A 211 -18.28 -7.82 -11.35
C ALA A 211 -17.28 -7.14 -12.29
N GLU A 212 -17.76 -6.50 -13.35
CA GLU A 212 -16.87 -5.75 -14.27
C GLU A 212 -17.67 -4.65 -14.94
N GLN A 213 -16.99 -3.59 -15.32
CA GLN A 213 -17.54 -2.56 -16.25
C GLN A 213 -17.62 -3.17 -17.64
N ALA A 214 -18.81 -3.20 -18.23
CA ALA A 214 -19.09 -3.68 -19.60
C ALA A 214 -18.21 -2.91 -20.61
N ARG A 215 -17.98 -1.62 -20.38
CA ARG A 215 -17.15 -0.75 -21.25
C ARG A 215 -16.52 0.37 -20.41
N PRO A 216 -15.50 1.08 -20.94
CA PRO A 216 -14.91 2.22 -20.23
C PRO A 216 -15.97 3.28 -19.94
N HIS A 217 -15.84 4.01 -18.83
CA HIS A 217 -16.81 5.07 -18.43
C HIS A 217 -16.37 6.41 -19.02
N GLU A 218 -17.07 6.86 -20.07
CA GLU A 218 -16.78 8.14 -20.78
C GLU A 218 -15.30 8.18 -21.19
N GLY A 219 -14.73 7.05 -21.59
CA GLY A 219 -13.35 6.95 -22.12
C GLY A 219 -12.29 7.20 -21.05
N ALA A 220 -12.68 7.16 -19.77
CA ALA A 220 -11.74 7.36 -18.64
C ALA A 220 -10.86 6.12 -18.47
N ARG A 221 -9.64 6.31 -17.97
CA ARG A 221 -8.61 5.27 -17.71
C ARG A 221 -8.43 5.12 -16.21
N PRO A 222 -8.96 4.06 -15.54
CA PRO A 222 -8.64 3.79 -14.13
C PRO A 222 -7.25 3.15 -14.03
N LEU A 223 -6.44 3.59 -13.07
N LEU A 223 -6.43 3.63 -13.09
CA LEU A 223 -5.04 3.11 -12.91
CA LEU A 223 -5.02 3.17 -12.89
C LEU A 223 -4.79 2.55 -11.51
C LEU A 223 -4.89 2.44 -11.55
N ARG A 224 -5.67 2.84 -10.55
CA ARG A 224 -5.60 2.30 -9.18
C ARG A 224 -7.02 2.06 -8.69
N ALA A 225 -7.20 1.09 -7.82
CA ALA A 225 -8.51 0.85 -7.20
C ALA A 225 -8.28 0.12 -5.90
N VAL A 226 -8.96 0.58 -4.86
CA VAL A 226 -8.94 -0.08 -3.53
C VAL A 226 -10.39 -0.31 -3.08
N PHE A 227 -10.58 -1.29 -2.22
CA PHE A 227 -11.90 -1.53 -1.60
C PHE A 227 -12.10 -0.59 -0.41
N THR A 228 -13.32 -0.07 -0.28
CA THR A 228 -13.76 0.56 0.98
C THR A 228 -14.17 -0.54 1.95
N ALA A 229 -14.31 -0.18 3.22
CA ALA A 229 -14.67 -1.12 4.30
C ALA A 229 -15.97 -1.86 3.95
N ASP A 230 -16.90 -1.21 3.25
CA ASP A 230 -18.24 -1.78 2.92
C ASP A 230 -18.25 -2.41 1.52
N GLY A 231 -17.10 -2.57 0.85
CA GLY A 231 -17.00 -3.34 -0.39
C GLY A 231 -17.27 -2.53 -1.64
N LYS A 232 -17.39 -1.21 -1.53
CA LYS A 232 -17.35 -0.34 -2.74
C LYS A 232 -15.90 -0.20 -3.20
N LEU A 233 -15.70 0.39 -4.36
CA LEU A 233 -14.35 0.62 -4.92
C LEU A 233 -14.08 2.10 -4.98
N LEU A 234 -12.89 2.51 -4.56
CA LEU A 234 -12.35 3.84 -4.85
C LEU A 234 -11.31 3.67 -5.94
N SER A 235 -11.45 4.37 -7.05
CA SER A 235 -10.49 4.29 -8.16
C SER A 235 -9.88 5.67 -8.40
N THR A 236 -8.65 5.69 -8.92
CA THR A 236 -8.03 6.93 -9.43
C THR A 236 -7.62 6.67 -10.86
N GLY A 237 -7.53 7.74 -11.64
CA GLY A 237 -7.18 7.59 -13.06
C GLY A 237 -7.28 8.93 -13.74
N PHE A 238 -7.54 8.89 -15.04
CA PHE A 238 -7.56 10.08 -15.92
C PHE A 238 -8.84 10.06 -16.74
N SER A 239 -9.47 11.22 -16.89
CA SER A 239 -10.65 11.39 -17.78
C SER A 239 -10.18 11.28 -19.24
N ARG A 240 -11.15 11.20 -20.16
CA ARG A 240 -10.95 11.36 -21.62
C ARG A 240 -10.07 12.60 -21.88
N MET A 241 -10.24 13.68 -21.10
CA MET A 241 -9.48 14.94 -21.32
C MET A 241 -8.27 15.06 -20.38
N SER A 242 -7.76 13.95 -19.82
CA SER A 242 -6.51 13.88 -19.01
C SER A 242 -6.65 14.62 -17.66
N GLU A 243 -7.88 14.76 -17.18
CA GLU A 243 -8.19 15.33 -15.84
C GLU A 243 -8.01 14.19 -14.83
N ARG A 244 -7.23 14.40 -13.79
CA ARG A 244 -7.07 13.35 -12.75
C ARG A 244 -8.41 13.23 -12.04
N GLN A 245 -8.81 11.99 -11.73
CA GLN A 245 -10.15 11.67 -11.18
C GLN A 245 -9.99 10.75 -9.98
N LEU A 246 -10.84 10.96 -9.00
CA LEU A 246 -11.16 10.01 -7.91
C LEU A 246 -12.62 9.62 -8.11
N ALA A 247 -12.92 8.32 -8.15
CA ALA A 247 -14.29 7.85 -8.32
C ALA A 247 -14.63 6.81 -7.25
N LEU A 248 -15.89 6.80 -6.84
CA LEU A 248 -16.46 5.80 -5.91
C LEU A 248 -17.46 4.97 -6.71
N TRP A 249 -17.29 3.65 -6.70
CA TRP A 249 -18.09 2.68 -7.50
C TRP A 249 -18.84 1.74 -6.58
N ASP A 250 -20.12 1.52 -6.88
CA ASP A 250 -20.93 0.41 -6.32
C ASP A 250 -20.87 -0.73 -7.33
N PRO A 251 -20.17 -1.84 -7.02
CA PRO A 251 -19.95 -2.90 -8.02
C PRO A 251 -21.23 -3.63 -8.45
N ASN A 252 -22.33 -3.45 -7.71
CA ASN A 252 -23.69 -3.92 -8.07
C ASN A 252 -24.32 -3.05 -9.18
N ASN A 253 -23.78 -1.87 -9.46
CA ASN A 253 -24.24 -0.98 -10.56
C ASN A 253 -23.04 -0.22 -11.12
N PHE A 254 -22.25 -0.88 -11.98
CA PHE A 254 -20.86 -0.50 -12.37
C PHE A 254 -20.84 0.47 -13.55
N GLU A 255 -22.00 0.87 -14.08
CA GLU A 255 -22.14 1.65 -15.33
C GLU A 255 -21.98 3.16 -15.05
N GLU A 256 -22.27 3.60 -13.81
CA GLU A 256 -22.15 5.02 -13.37
C GLU A 256 -21.47 5.05 -12.00
N PRO A 257 -20.47 5.93 -11.77
CA PRO A 257 -19.93 6.10 -10.42
C PRO A 257 -20.97 6.70 -9.46
N VAL A 258 -20.90 6.29 -8.19
CA VAL A 258 -21.66 6.89 -7.06
C VAL A 258 -21.23 8.36 -6.92
N ALA A 259 -19.93 8.62 -7.11
CA ALA A 259 -19.31 9.95 -6.97
C ALA A 259 -18.08 10.03 -7.87
N LEU A 260 -17.81 11.22 -8.40
CA LEU A 260 -16.64 11.49 -9.24
C LEU A 260 -16.13 12.87 -8.84
N GLN A 261 -14.85 12.94 -8.49
CA GLN A 261 -14.13 14.19 -8.18
C GLN A 261 -13.04 14.37 -9.23
N GLU A 262 -13.13 15.41 -10.05
CA GLU A 262 -12.11 15.72 -11.08
C GLU A 262 -11.25 16.85 -10.52
N MET A 263 -9.96 16.85 -10.79
CA MET A 263 -9.05 17.70 -10.00
C MET A 263 -8.17 18.56 -10.89
N ASP A 264 -7.04 18.06 -11.35
CA ASP A 264 -6.09 18.85 -12.18
C ASP A 264 -5.72 18.03 -13.41
N THR A 265 -5.05 18.66 -14.37
CA THR A 265 -4.55 18.02 -15.61
C THR A 265 -3.05 17.75 -15.44
N SER A 266 -2.62 17.35 -14.24
CA SER A 266 -1.23 16.90 -13.96
C SER A 266 -1.02 15.49 -14.51
N ASN A 267 0.23 15.04 -14.58
CA ASN A 267 0.69 13.85 -15.36
C ASN A 267 0.67 12.58 -14.48
N GLY A 268 0.94 12.74 -13.18
CA GLY A 268 1.22 11.63 -12.25
C GLY A 268 -0.01 10.80 -11.93
N VAL A 269 0.15 9.48 -11.87
CA VAL A 269 -0.84 8.55 -11.28
C VAL A 269 -1.02 8.95 -9.81
N LEU A 270 -2.25 9.16 -9.38
CA LEU A 270 -2.58 9.39 -7.94
C LEU A 270 -2.69 8.04 -7.23
N LEU A 271 -1.90 7.84 -6.16
CA LEU A 271 -2.01 6.64 -5.31
C LEU A 271 -3.03 6.94 -4.23
N PRO A 272 -4.07 6.08 -4.06
CA PRO A 272 -5.00 6.20 -2.96
C PRO A 272 -4.47 5.46 -1.73
N PHE A 273 -4.41 6.18 -0.61
CA PHE A 273 -4.15 5.62 0.72
C PHE A 273 -5.43 5.75 1.51
N TYR A 274 -6.06 4.61 1.74
CA TYR A 274 -7.40 4.53 2.37
C TYR A 274 -7.27 4.08 3.82
N ASP A 275 -7.88 4.86 4.72
CA ASP A 275 -8.04 4.57 6.17
C ASP A 275 -9.47 4.06 6.36
N PRO A 276 -9.69 2.75 6.53
CA PRO A 276 -11.05 2.21 6.68
C PRO A 276 -11.74 2.60 8.01
N ASP A 277 -10.97 2.93 9.05
CA ASP A 277 -11.53 3.30 10.37
C ASP A 277 -12.10 4.72 10.35
N SER A 278 -11.37 5.66 9.73
CA SER A 278 -11.79 7.07 9.58
C SER A 278 -12.67 7.23 8.34
N SER A 279 -12.58 6.29 7.41
CA SER A 279 -13.18 6.42 6.06
C SER A 279 -12.59 7.65 5.38
N ILE A 280 -11.26 7.77 5.39
CA ILE A 280 -10.53 8.90 4.74
C ILE A 280 -9.67 8.30 3.63
N VAL A 281 -9.64 8.94 2.48
CA VAL A 281 -8.64 8.57 1.44
C VAL A 281 -7.74 9.78 1.20
N TYR A 282 -6.43 9.51 1.21
CA TYR A 282 -5.38 10.49 0.90
C TYR A 282 -4.88 10.17 -0.50
N LEU A 283 -4.70 11.21 -1.31
CA LEU A 283 -4.22 11.07 -2.70
C LEU A 283 -2.92 11.84 -2.86
N CYS A 284 -1.95 11.20 -3.48
CA CYS A 284 -0.77 11.91 -4.01
C CYS A 284 -0.05 11.00 -4.99
N GLY A 285 0.67 11.62 -5.90
CA GLY A 285 1.35 10.94 -6.99
C GLY A 285 2.75 11.46 -7.11
N LYS A 286 3.58 10.70 -7.80
CA LYS A 286 4.97 11.13 -8.08
C LYS A 286 4.89 12.45 -8.83
N GLY A 287 5.68 13.41 -8.39
CA GLY A 287 5.71 14.77 -8.95
C GLY A 287 4.78 15.73 -8.23
N ASP A 288 3.83 15.25 -7.44
CA ASP A 288 2.93 16.14 -6.65
C ASP A 288 3.68 16.69 -5.44
N SER A 289 3.42 17.95 -5.09
N SER A 289 3.40 17.94 -5.10
CA SER A 289 3.95 18.58 -3.86
CA SER A 289 3.93 18.63 -3.89
C SER A 289 2.92 18.49 -2.73
C SER A 289 2.86 18.68 -2.80
N SER A 290 1.68 18.09 -3.04
CA SER A 290 0.55 18.12 -2.09
C SER A 290 0.04 16.71 -1.78
N ILE A 291 -0.65 16.61 -0.65
CA ILE A 291 -1.48 15.44 -0.26
C ILE A 291 -2.89 15.95 -0.06
N ARG A 292 -3.81 15.47 -0.89
CA ARG A 292 -5.22 15.91 -0.84
C ARG A 292 -5.99 14.82 -0.11
N TYR A 293 -6.93 15.16 0.74
CA TYR A 293 -7.64 14.09 1.46
C TYR A 293 -9.13 14.39 1.56
N PHE A 294 -9.87 13.29 1.58
CA PHE A 294 -11.35 13.27 1.42
C PHE A 294 -11.93 12.28 2.42
N GLU A 295 -13.12 12.62 2.94
CA GLU A 295 -13.93 11.70 3.77
C GLU A 295 -14.98 11.03 2.88
N ILE A 296 -15.20 9.73 3.10
CA ILE A 296 -16.23 8.93 2.38
C ILE A 296 -17.36 8.63 3.36
N THR A 297 -18.58 9.10 3.07
CA THR A 297 -19.78 8.89 3.94
C THR A 297 -20.99 8.58 3.05
N ASP A 298 -22.11 8.18 3.65
CA ASP A 298 -23.34 7.86 2.87
C ASP A 298 -24.24 9.10 2.76
N GLU A 299 -23.77 10.26 3.20
CA GLU A 299 -24.38 11.59 2.91
C GLU A 299 -23.89 12.05 1.55
N PRO A 300 -24.77 12.37 0.58
CA PRO A 300 -24.35 12.96 -0.69
C PRO A 300 -23.57 14.24 -0.45
N PRO A 301 -22.51 14.56 -1.22
CA PRO A 301 -22.09 13.82 -2.41
C PRO A 301 -21.13 12.64 -2.16
N PHE A 302 -21.09 12.10 -0.95
CA PHE A 302 -20.48 10.78 -0.58
C PHE A 302 -18.96 10.90 -0.48
N VAL A 303 -18.33 11.54 -1.47
CA VAL A 303 -16.88 11.88 -1.39
C VAL A 303 -16.79 13.35 -1.02
N HIS A 304 -16.22 13.65 0.15
CA HIS A 304 -16.20 14.99 0.75
C HIS A 304 -14.76 15.46 0.90
N TYR A 305 -14.36 16.45 0.13
CA TYR A 305 -13.03 17.09 0.31
C TYR A 305 -12.88 17.62 1.75
N LEU A 306 -11.77 17.27 2.41
CA LEU A 306 -11.42 17.78 3.76
C LEU A 306 -10.38 18.89 3.65
N ASN A 307 -9.22 18.60 3.08
CA ASN A 307 -8.12 19.60 3.09
C ASN A 307 -6.97 19.06 2.24
N THR A 308 -5.96 19.89 2.12
CA THR A 308 -4.71 19.56 1.40
C THR A 308 -3.52 19.98 2.26
N PHE A 309 -2.57 19.07 2.37
CA PHE A 309 -1.24 19.36 2.94
C PHE A 309 -0.36 19.80 1.77
N SER A 310 0.05 21.08 1.77
CA SER A 310 0.82 21.67 0.64
C SER A 310 2.29 21.77 1.00
N SER A 311 3.13 21.72 -0.02
CA SER A 311 4.59 21.94 0.09
C SER A 311 5.11 22.50 -1.23
N LYS A 312 6.37 22.93 -1.24
CA LYS A 312 7.03 23.40 -2.48
C LYS A 312 7.92 22.29 -3.07
N GLU A 313 7.82 21.05 -2.57
CA GLU A 313 8.76 19.94 -2.92
C GLU A 313 8.01 18.76 -3.53
N PRO A 314 8.17 18.48 -4.85
CA PRO A 314 7.57 17.31 -5.49
C PRO A 314 8.08 15.99 -4.87
N GLN A 315 7.16 15.07 -4.61
CA GLN A 315 7.53 13.74 -4.07
C GLN A 315 8.08 12.83 -5.17
N ARG A 316 8.98 11.93 -4.78
CA ARG A 316 9.57 10.86 -5.62
C ARG A 316 8.98 9.50 -5.22
N GLY A 317 8.05 9.50 -4.26
CA GLY A 317 7.47 8.27 -3.71
C GLY A 317 6.89 8.57 -2.35
N MET A 318 6.25 7.58 -1.74
CA MET A 318 5.46 7.85 -0.51
C MET A 318 5.17 6.55 0.22
N GLY A 319 5.52 6.50 1.49
CA GLY A 319 5.16 5.40 2.38
C GLY A 319 4.02 5.84 3.29
N PHE A 320 3.35 4.87 3.88
CA PHE A 320 2.14 5.12 4.69
C PHE A 320 2.18 4.14 5.88
N MET A 321 2.26 4.68 7.10
CA MET A 321 2.46 3.84 8.30
C MET A 321 1.17 3.08 8.62
N PRO A 322 1.23 1.75 8.77
CA PRO A 322 0.08 0.99 9.28
C PRO A 322 -0.34 1.42 10.69
N LYS A 323 -1.56 1.06 11.06
CA LYS A 323 -2.20 1.49 12.33
C LYS A 323 -1.31 1.19 13.53
N ARG A 324 -0.67 0.01 13.57
CA ARG A 324 0.15 -0.45 14.71
C ARG A 324 1.38 0.43 14.92
N GLY A 325 1.74 1.29 13.95
CA GLY A 325 2.85 2.22 14.11
C GLY A 325 2.45 3.64 14.44
N LEU A 326 1.16 3.97 14.54
CA LEU A 326 0.74 5.37 14.79
C LEU A 326 0.92 5.72 16.26
N ASP A 327 1.24 6.98 16.54
CA ASP A 327 1.35 7.48 17.92
C ASP A 327 -0.04 7.90 18.42
N VAL A 328 -0.76 6.96 19.01
CA VAL A 328 -2.18 7.21 19.42
C VAL A 328 -2.21 8.29 20.51
N SER A 329 -1.14 8.41 21.32
CA SER A 329 -1.10 9.38 22.44
C SER A 329 -1.17 10.81 21.90
N LYS A 330 -0.77 11.02 20.63
CA LYS A 330 -0.77 12.35 19.98
C LYS A 330 -1.91 12.49 18.96
N CYS A 331 -2.88 11.58 18.94
CA CYS A 331 -4.02 11.60 17.98
C CYS A 331 -3.47 11.67 16.55
N GLU A 332 -2.38 10.98 16.30
CA GLU A 332 -1.84 10.76 14.93
C GLU A 332 -2.74 9.76 14.22
N ILE A 333 -3.44 10.13 13.13
N ILE A 333 -3.37 10.17 13.12
CA ILE A 333 -4.32 9.16 12.41
CA ILE A 333 -4.37 9.36 12.37
C ILE A 333 -3.66 8.70 11.11
C ILE A 333 -3.72 8.80 11.09
N ALA A 334 -2.57 9.33 10.69
CA ALA A 334 -1.77 8.81 9.55
C ALA A 334 -0.35 9.34 9.68
N ARG A 335 0.60 8.63 9.12
CA ARG A 335 1.97 9.14 9.01
C ARG A 335 2.50 8.72 7.64
N PHE A 336 2.79 9.73 6.85
CA PHE A 336 3.38 9.56 5.51
C PHE A 336 4.89 9.62 5.61
N TYR A 337 5.56 8.85 4.78
CA TYR A 337 7.03 8.89 4.61
C TYR A 337 7.30 9.40 3.19
N LYS A 338 7.47 10.71 3.05
CA LYS A 338 7.57 11.38 1.74
C LYS A 338 9.00 11.22 1.21
N LEU A 339 9.13 10.72 -0.02
CA LEU A 339 10.45 10.56 -0.65
C LEU A 339 10.76 11.83 -1.45
N HIS A 340 11.90 12.42 -1.13
CA HIS A 340 12.52 13.48 -1.95
C HIS A 340 13.63 12.84 -2.77
N GLU A 341 14.37 13.61 -3.56
CA GLU A 341 15.50 13.06 -4.37
C GLU A 341 16.50 12.32 -3.47
N ARG A 342 16.83 12.87 -2.29
CA ARG A 342 17.95 12.33 -1.45
C ARG A 342 17.54 12.17 0.01
N LYS A 343 16.25 12.21 0.34
CA LYS A 343 15.86 12.07 1.76
C LYS A 343 14.41 11.58 1.87
N CYS A 344 14.09 11.09 3.05
CA CYS A 344 12.72 10.68 3.45
C CYS A 344 12.27 11.55 4.63
N GLU A 345 11.15 12.26 4.46
CA GLU A 345 10.60 13.23 5.42
C GLU A 345 9.24 12.73 5.91
N PRO A 346 9.06 12.38 7.20
CA PRO A 346 7.75 12.04 7.72
C PRO A 346 6.82 13.26 7.70
N ILE A 347 5.55 13.00 7.39
CA ILE A 347 4.44 13.99 7.49
C ILE A 347 3.37 13.36 8.37
N ILE A 348 3.05 14.02 9.47
CA ILE A 348 2.11 13.53 10.51
C ILE A 348 0.73 14.14 10.25
N MET A 349 -0.31 13.31 10.23
N MET A 349 -0.31 13.32 10.16
CA MET A 349 -1.72 13.78 10.14
CA MET A 349 -1.72 13.81 10.13
C MET A 349 -2.36 13.62 11.52
C MET A 349 -2.30 13.65 11.52
N THR A 350 -2.93 14.70 12.05
CA THR A 350 -3.44 14.75 13.44
C THR A 350 -4.93 15.11 13.42
N VAL A 351 -5.71 14.45 14.28
CA VAL A 351 -7.07 14.92 14.65
C VAL A 351 -6.91 15.65 15.98
N PRO A 352 -7.04 16.98 16.07
N PRO A 352 -7.06 16.99 15.96
CA PRO A 352 -6.53 17.70 17.25
CA PRO A 352 -6.97 17.77 17.19
C PRO A 352 -7.44 17.75 18.50
C PRO A 352 -8.10 17.35 18.14
N ARG A 353 -7.59 16.63 19.18
N ARG A 353 -7.68 16.84 19.28
CA ARG A 353 -8.51 16.48 20.35
CA ARG A 353 -8.55 16.50 20.43
C ARG A 353 -8.00 17.27 21.57
C ARG A 353 -7.99 17.14 21.69
N LYS A 354 -6.69 17.40 21.75
CA LYS A 354 -6.04 18.08 22.91
C LYS A 354 -6.45 17.33 24.18
N SER A 355 -6.31 16.01 24.17
CA SER A 355 -6.77 15.10 25.25
C SER A 355 -5.67 14.09 25.56
N ASP A 356 -5.45 13.84 26.85
CA ASP A 356 -4.52 12.80 27.37
C ASP A 356 -5.24 11.45 27.42
N LEU A 357 -6.52 11.40 27.03
CA LEU A 357 -7.30 10.15 27.10
C LEU A 357 -7.21 9.45 25.75
N PHE A 358 -7.15 8.12 25.76
CA PHE A 358 -7.18 7.33 24.51
C PHE A 358 -8.50 7.61 23.77
N GLN A 359 -8.40 8.06 22.52
CA GLN A 359 -9.58 8.47 21.72
C GLN A 359 -10.16 7.24 21.00
N ASP A 360 -11.04 6.49 21.66
CA ASP A 360 -11.57 5.20 21.11
C ASP A 360 -12.24 5.39 19.77
N ASP A 361 -12.95 6.49 19.59
CA ASP A 361 -13.72 6.69 18.34
C ASP A 361 -12.75 6.81 17.17
N LEU A 362 -11.51 7.26 17.40
CA LEU A 362 -10.49 7.38 16.31
C LEU A 362 -9.77 6.06 16.08
N TYR A 363 -9.69 5.23 17.10
CA TYR A 363 -8.83 4.03 17.14
C TYR A 363 -9.65 2.81 17.54
N PRO A 364 -10.59 2.38 16.67
CA PRO A 364 -11.27 1.11 16.88
C PRO A 364 -10.27 -0.05 16.76
N ASP A 365 -10.65 -1.21 17.29
CA ASP A 365 -9.78 -2.40 17.20
C ASP A 365 -9.48 -2.65 15.71
N THR A 366 -8.26 -3.08 15.43
CA THR A 366 -7.64 -3.05 14.08
C THR A 366 -6.95 -4.38 13.83
N PRO A 367 -6.81 -4.82 12.56
CA PRO A 367 -6.11 -6.08 12.30
C PRO A 367 -4.71 -6.13 12.93
N GLY A 368 -4.46 -7.21 13.64
CA GLY A 368 -3.20 -7.42 14.35
C GLY A 368 -2.24 -8.29 13.53
N PRO A 369 -1.11 -8.65 14.16
CA PRO A 369 -0.06 -9.41 13.48
C PRO A 369 -0.28 -10.93 13.47
N GLU A 370 -1.41 -11.43 13.95
CA GLU A 370 -1.68 -12.89 13.96
C GLU A 370 -2.64 -13.20 12.81
N PRO A 371 -2.33 -14.18 11.95
CA PRO A 371 -3.25 -14.58 10.89
C PRO A 371 -4.51 -15.24 11.44
N ALA A 372 -5.64 -15.04 10.77
CA ALA A 372 -6.93 -15.66 11.12
C ALA A 372 -7.02 -17.09 10.57
N LEU A 373 -6.32 -17.39 9.48
CA LEU A 373 -6.41 -18.68 8.75
C LEU A 373 -5.01 -19.15 8.37
N GLU A 374 -4.85 -20.46 8.22
CA GLU A 374 -3.70 -21.05 7.49
C GLU A 374 -3.97 -20.98 5.98
N ALA A 375 -2.91 -21.05 5.18
CA ALA A 375 -2.97 -20.98 3.71
C ALA A 375 -3.94 -22.05 3.18
N ASP A 376 -3.86 -23.27 3.71
CA ASP A 376 -4.66 -24.40 3.18
C ASP A 376 -6.14 -24.21 3.53
N GLU A 377 -6.44 -23.66 4.71
CA GLU A 377 -7.84 -23.33 5.11
C GLU A 377 -8.42 -22.29 4.17
N TRP A 378 -7.63 -21.24 3.88
CA TRP A 378 -8.10 -20.19 2.95
C TRP A 378 -8.34 -20.80 1.58
N LEU A 379 -7.39 -21.59 1.08
CA LEU A 379 -7.52 -22.17 -0.29
C LEU A 379 -8.77 -23.06 -0.40
N SER A 380 -9.11 -23.76 0.69
CA SER A 380 -10.28 -24.67 0.79
C SER A 380 -11.58 -23.87 0.81
N GLY A 381 -11.52 -22.54 0.91
CA GLY A 381 -12.68 -21.65 0.77
C GLY A 381 -13.12 -21.01 2.07
N GLN A 382 -12.46 -21.26 3.19
CA GLN A 382 -12.82 -20.59 4.48
C GLN A 382 -12.60 -19.09 4.33
N ASP A 383 -13.52 -18.27 4.85
CA ASP A 383 -13.33 -16.81 5.06
C ASP A 383 -13.34 -16.56 6.58
N ALA A 384 -12.48 -15.68 7.03
CA ALA A 384 -12.45 -15.18 8.42
C ALA A 384 -12.21 -13.68 8.40
N GLU A 385 -12.73 -12.97 9.39
CA GLU A 385 -12.35 -11.55 9.60
C GLU A 385 -10.94 -11.56 10.18
N PRO A 386 -10.16 -10.49 9.96
CA PRO A 386 -8.85 -10.39 10.61
C PRO A 386 -8.99 -10.49 12.13
N VAL A 387 -7.96 -11.05 12.75
CA VAL A 387 -7.84 -11.11 14.24
C VAL A 387 -7.48 -9.69 14.69
N LEU A 388 -8.39 -9.04 15.42
CA LEU A 388 -8.25 -7.62 15.80
C LEU A 388 -7.43 -7.50 17.10
N ILE A 389 -6.73 -6.39 17.24
CA ILE A 389 -6.03 -6.00 18.49
C ILE A 389 -6.49 -4.60 18.87
N SER A 390 -6.24 -4.21 20.13
CA SER A 390 -6.47 -2.82 20.57
C SER A 390 -5.16 -2.04 20.46
N LEU A 391 -5.24 -0.79 19.98
CA LEU A 391 -4.07 0.09 19.88
C LEU A 391 -3.75 0.74 21.23
N ARG A 392 -4.60 0.57 22.24
N ARG A 392 -4.60 0.57 22.24
CA ARG A 392 -4.36 1.16 23.57
CA ARG A 392 -4.36 1.16 23.57
C ARG A 392 -3.27 0.35 24.28
C ARG A 392 -3.25 0.36 24.25
N ASP A 393 -3.11 -0.94 23.94
CA ASP A 393 -2.13 -1.86 24.57
C ASP A 393 -0.71 -1.58 24.06
N GLY A 394 -0.50 -0.55 23.22
CA GLY A 394 0.82 -0.17 22.66
C GLY A 394 1.27 -1.18 21.62
N TYR A 395 2.56 -1.18 21.25
CA TYR A 395 3.12 -2.13 20.25
C TYR A 395 3.14 -3.57 20.81
N VAL A 396 2.37 -4.47 20.17
CA VAL A 396 2.36 -5.94 20.44
C VAL A 396 3.12 -6.62 19.30
N PRO A 397 4.30 -7.22 19.58
CA PRO A 397 5.11 -7.85 18.52
C PRO A 397 4.42 -9.08 17.97
N PRO A 398 4.53 -9.36 16.64
CA PRO A 398 4.11 -10.64 16.08
C PRO A 398 4.67 -11.84 16.86
N LYS A 399 3.88 -12.92 17.00
CA LYS A 399 4.34 -14.20 17.63
C LYS A 399 5.49 -14.77 16.80
N HIS A 400 5.42 -14.66 15.47
CA HIS A 400 6.43 -15.15 14.49
C HIS A 400 7.58 -14.13 14.35
N ARG A 401 8.82 -14.58 14.55
CA ARG A 401 10.06 -13.78 14.35
C ARG A 401 10.73 -14.20 13.04
N GLU A 402 11.02 -15.50 12.90
CA GLU A 402 11.69 -16.11 11.72
C GLU A 402 10.68 -16.91 10.89
N LEU A 403 10.29 -16.42 9.72
CA LEU A 403 9.51 -17.18 8.71
C LEU A 403 10.40 -18.31 8.18
N ARG A 404 10.06 -19.57 8.52
CA ARG A 404 10.83 -20.79 8.18
C ARG A 404 10.20 -21.44 6.94
N VAL A 405 11.01 -21.69 5.91
CA VAL A 405 10.58 -22.23 4.58
C VAL A 405 10.90 -23.73 4.53
UNK UNX B . 4.00 1.95 3.30
UNK UNX C . -9.56 -24.12 -16.57
UNK UNX D . -8.62 -20.54 -9.77
UNK UNX E . 3.12 14.52 -2.52
UNK UNX F . -8.69 -1.25 0.73
UNK UNX G . 1.75 -1.88 -2.10
#